data_9MSU
#
_entry.id   9MSU
#
_cell.length_a   74.225
_cell.length_b   74.225
_cell.length_c   107.712
_cell.angle_alpha   90.000
_cell.angle_beta   90.000
_cell.angle_gamma   90.000
#
_symmetry.space_group_name_H-M   'P 43 2 2'
#
loop_
_entity.id
_entity.type
_entity.pdbx_description
1 polymer 'Heat shock protein 90 homolog'
2 non-polymer 'ethyl (4-{3-[2,4-dihydroxy-5-(1-methylethyl)phenyl]-5-sulfanyl-4H-1,2,4-triazol-4-yl}benzyl)carbamate'
3 non-polymer 1,2-ETHANEDIOL
4 water water
#
_entity_poly.entity_id   1
_entity_poly.type   'polypeptide(L)'
_entity_poly.pdbx_seq_one_letter_code
;MADAKVETHEFTAEISQLMSLIINTVYSNKEIFLRELISNASDALDKIRYQALSDPSQLESEPELFIRIIPQKDQKVLEI
RDSGIGMTKADLVNNLGTIAKSGTKSFMEALSAGADVSMIGQFGVGFYSLFLVADHVQVISKHNDDEQYVWESNAGGKFT
VTLDETNERLGRGTMLRLFLKEDQLEYLEEKRIKEVVKKHSEFVAYPIQLVVTKEVEKNLYFQSGSHHHHHH
;
_entity_poly.pdbx_strand_id   A
#
loop_
_chem_comp.id
_chem_comp.type
_chem_comp.name
_chem_comp.formula
819 non-polymer 'ethyl (4-{3-[2,4-dihydroxy-5-(1-methylethyl)phenyl]-5-sulfanyl-4H-1,2,4-triazol-4-yl}benzyl)carbamate' 'C21 H24 N4 O4 S'
EDO non-polymer 1,2-ETHANEDIOL 'C2 H6 O2'
#
# COMPACT_ATOMS: atom_id res chain seq x y z
N ASP A 3 -13.28 1.69 -22.53
CA ASP A 3 -13.61 2.86 -21.71
C ASP A 3 -14.22 2.34 -20.41
N ALA A 4 -13.39 1.68 -19.59
CA ALA A 4 -13.88 1.01 -18.38
C ALA A 4 -14.65 1.99 -17.51
N LYS A 5 -15.82 1.56 -17.02
CA LYS A 5 -16.59 2.34 -16.07
C LYS A 5 -15.75 2.60 -14.82
N VAL A 6 -15.76 3.85 -14.38
CA VAL A 6 -15.20 4.26 -13.11
C VAL A 6 -16.33 4.19 -12.06
N GLU A 7 -16.21 3.25 -11.13
CA GLU A 7 -17.22 3.08 -10.08
C GLU A 7 -16.82 3.91 -8.88
N THR A 8 -17.69 4.82 -8.41
CA THR A 8 -17.40 5.63 -7.22
C THR A 8 -18.10 5.05 -6.00
N HIS A 9 -17.37 5.01 -4.90
CA HIS A 9 -17.83 4.43 -3.65
C HIS A 9 -17.50 5.41 -2.54
N GLU A 10 -18.24 5.27 -1.43
CA GLU A 10 -18.08 6.13 -0.28
C GLU A 10 -17.36 5.36 0.82
N PHE A 11 -16.38 6.03 1.44
CA PHE A 11 -15.73 5.47 2.61
C PHE A 11 -16.71 5.50 3.79
N THR A 12 -16.65 4.47 4.62
CA THR A 12 -17.32 4.59 5.92
C THR A 12 -16.82 5.83 6.63
N ALA A 13 -17.67 6.41 7.48
CA ALA A 13 -17.31 7.68 8.12
C ALA A 13 -16.02 7.55 8.96
N GLU A 14 -15.86 6.43 9.68
CA GLU A 14 -14.70 6.27 10.55
C GLU A 14 -13.39 6.28 9.75
N ILE A 15 -13.40 5.70 8.55
CA ILE A 15 -12.18 5.62 7.76
C ILE A 15 -11.86 6.98 7.15
N SER A 16 -12.86 7.70 6.68
CA SER A 16 -12.66 9.07 6.25
C SER A 16 -12.08 9.90 7.38
N GLN A 17 -12.57 9.68 8.60
CA GLN A 17 -12.08 10.42 9.75
C GLN A 17 -10.61 10.14 9.99
N LEU A 18 -10.24 8.86 9.93
CA LEU A 18 -8.84 8.47 10.16
C LEU A 18 -7.96 9.05 9.06
N MET A 19 -8.39 8.99 7.81
CA MET A 19 -7.58 9.53 6.72
C MET A 19 -7.28 11.00 6.94
N SER A 20 -8.31 11.77 7.33
CA SER A 20 -8.13 13.19 7.58
CA SER A 20 -8.12 13.19 7.57
C SER A 20 -7.13 13.44 8.69
N LEU A 21 -7.21 12.66 9.76
CA LEU A 21 -6.25 12.78 10.85
C LEU A 21 -4.81 12.52 10.35
N ILE A 22 -4.62 11.42 9.61
CA ILE A 22 -3.26 11.08 9.21
C ILE A 22 -2.71 12.09 8.22
N ILE A 23 -3.51 12.51 7.23
CA ILE A 23 -2.95 13.36 6.17
C ILE A 23 -2.55 14.73 6.73
N ASN A 24 -3.14 15.14 7.85
CA ASN A 24 -2.89 16.45 8.43
C ASN A 24 -1.93 16.42 9.61
N THR A 25 -1.61 15.23 10.15
CA THR A 25 -0.81 15.17 11.37
C THR A 25 0.62 15.62 11.12
N VAL A 26 1.20 16.27 12.13
CA VAL A 26 2.61 16.67 12.06
C VAL A 26 3.51 15.69 12.82
N TYR A 27 3.02 14.49 13.09
CA TYR A 27 3.84 13.44 13.65
C TYR A 27 5.23 13.35 13.02
N SER A 28 6.26 13.10 13.84
CA SER A 28 7.62 13.27 13.35
C SER A 28 8.17 12.11 12.54
N ASN A 29 7.78 10.88 12.82
CA ASN A 29 8.48 9.71 12.28
C ASN A 29 7.70 9.13 11.08
N LYS A 30 7.57 9.94 10.05
CA LYS A 30 6.77 9.58 8.89
C LYS A 30 7.28 8.31 8.22
N GLU A 31 8.56 7.99 8.38
CA GLU A 31 9.14 6.85 7.67
C GLU A 31 8.51 5.51 8.00
N ILE A 32 7.72 5.39 9.09
CA ILE A 32 7.12 4.12 9.44
C ILE A 32 6.09 3.72 8.41
N PHE A 33 5.68 4.62 7.51
CA PHE A 33 4.74 4.22 6.44
C PHE A 33 5.33 3.04 5.69
N LEU A 34 6.63 3.04 5.42
CA LEU A 34 7.17 2.00 4.57
C LEU A 34 7.13 0.64 5.27
N ARG A 35 7.44 0.61 6.58
CA ARG A 35 7.31 -0.60 7.36
C ARG A 35 5.91 -1.18 7.26
N GLU A 36 4.89 -0.32 7.38
CA GLU A 36 3.52 -0.76 7.36
C GLU A 36 3.16 -1.36 6.01
N LEU A 37 3.60 -0.73 4.92
CA LEU A 37 3.26 -1.24 3.58
C LEU A 37 4.05 -2.52 3.29
N ILE A 38 5.29 -2.67 3.76
CA ILE A 38 6.04 -3.90 3.56
C ILE A 38 5.39 -5.01 4.38
N SER A 39 4.87 -4.68 5.57
N SER A 39 4.88 -4.69 5.59
CA SER A 39 4.16 -5.67 6.37
CA SER A 39 4.16 -5.70 6.36
C SER A 39 2.89 -6.16 5.70
C SER A 39 2.88 -6.16 5.69
N ASN A 40 2.13 -5.23 5.07
CA ASN A 40 0.95 -5.65 4.33
C ASN A 40 1.32 -6.55 3.16
N ALA A 41 2.41 -6.22 2.47
CA ALA A 41 2.86 -7.06 1.36
C ALA A 41 3.25 -8.44 1.84
N SER A 42 3.98 -8.48 2.94
CA SER A 42 4.45 -9.76 3.52
C SER A 42 3.23 -10.60 3.91
N ASP A 43 2.20 -9.99 4.44
CA ASP A 43 0.98 -10.72 4.86
C ASP A 43 0.29 -11.32 3.63
N ALA A 44 0.23 -10.56 2.54
CA ALA A 44 -0.40 -11.05 1.30
C ALA A 44 0.46 -12.17 0.69
N LEU A 45 1.78 -12.08 0.83
CA LEU A 45 2.66 -13.14 0.31
C LEU A 45 2.48 -14.40 1.18
N ASP A 46 2.28 -14.21 2.47
CA ASP A 46 2.05 -15.36 3.37
C ASP A 46 0.79 -16.09 2.90
N LYS A 47 -0.21 -15.36 2.46
CA LYS A 47 -1.50 -15.99 2.08
C LYS A 47 -1.37 -16.77 0.77
N ILE A 48 -0.66 -16.27 -0.24
CA ILE A 48 -0.50 -17.10 -1.42
C ILE A 48 0.42 -18.29 -1.13
N ARG A 49 1.44 -18.12 -0.28
CA ARG A 49 2.29 -19.25 0.06
C ARG A 49 1.46 -20.32 0.73
N TYR A 50 0.57 -19.93 1.63
CA TYR A 50 -0.29 -20.90 2.30
C TYR A 50 -1.11 -21.67 1.27
N GLN A 51 -1.72 -20.96 0.35
CA GLN A 51 -2.55 -21.63 -0.66
C GLN A 51 -1.71 -22.52 -1.54
N ALA A 52 -0.52 -22.08 -1.91
CA ALA A 52 0.34 -22.84 -2.78
C ALA A 52 0.91 -24.10 -2.10
N LEU A 53 0.98 -24.12 -0.77
CA LEU A 53 1.50 -25.31 -0.13
C LEU A 53 0.56 -26.46 -0.42
N SER A 54 -0.74 -26.21 -0.39
CA SER A 54 -1.70 -27.24 -0.77
C SER A 54 -1.80 -27.41 -2.28
N ASP A 55 -1.85 -26.30 -3.02
CA ASP A 55 -2.05 -26.30 -4.46
C ASP A 55 -0.99 -25.48 -5.17
N PRO A 56 0.13 -26.07 -5.53
CA PRO A 56 1.21 -25.29 -6.11
C PRO A 56 0.84 -24.53 -7.38
N SER A 57 -0.23 -24.93 -8.07
CA SER A 57 -0.61 -24.25 -9.31
C SER A 57 -1.00 -22.79 -9.09
N GLN A 58 -1.33 -22.44 -7.86
CA GLN A 58 -1.70 -21.05 -7.55
C GLN A 58 -0.57 -20.10 -7.78
N LEU A 59 0.67 -20.57 -7.79
CA LEU A 59 1.79 -19.69 -8.01
C LEU A 59 2.04 -19.44 -9.49
N GLU A 60 1.42 -20.21 -10.42
CA GLU A 60 1.80 -20.13 -11.84
C GLU A 60 1.57 -18.74 -12.45
N SER A 61 0.63 -17.97 -11.89
CA SER A 61 0.35 -16.63 -12.37
C SER A 61 1.53 -15.67 -12.13
N GLU A 62 2.41 -16.00 -11.22
CA GLU A 62 3.65 -15.27 -10.96
CA GLU A 62 3.63 -15.26 -10.95
C GLU A 62 4.48 -16.14 -10.04
N PRO A 63 5.39 -16.94 -10.57
CA PRO A 63 6.08 -17.92 -9.77
C PRO A 63 6.94 -17.38 -8.67
N GLU A 64 7.41 -16.13 -8.74
CA GLU A 64 8.35 -15.63 -7.77
C GLU A 64 7.62 -14.83 -6.69
N LEU A 65 8.09 -14.96 -5.46
CA LEU A 65 7.52 -14.30 -4.28
C LEU A 65 8.47 -13.17 -3.89
N PHE A 66 8.03 -11.92 -4.04
CA PHE A 66 8.91 -10.79 -3.82
C PHE A 66 8.12 -9.56 -3.41
N ILE A 67 8.88 -8.60 -2.81
CA ILE A 67 8.44 -7.23 -2.61
C ILE A 67 9.42 -6.35 -3.39
N ARG A 68 8.91 -5.36 -4.11
CA ARG A 68 9.77 -4.57 -4.98
C ARG A 68 9.37 -3.11 -4.84
N ILE A 69 10.39 -2.26 -4.60
CA ILE A 69 10.20 -0.83 -4.41
C ILE A 69 10.74 -0.11 -5.64
N ILE A 70 9.90 0.70 -6.28
CA ILE A 70 10.24 1.32 -7.57
C ILE A 70 10.05 2.84 -7.47
N PRO A 71 11.11 3.61 -7.20
CA PRO A 71 10.99 5.07 -7.28
C PRO A 71 10.72 5.50 -8.71
N GLN A 72 9.81 6.46 -8.87
CA GLN A 72 9.51 7.09 -10.17
C GLN A 72 9.77 8.59 -10.01
N LYS A 73 11.03 8.98 -10.11
CA LYS A 73 11.41 10.33 -9.71
C LYS A 73 10.68 11.39 -10.53
N ASP A 74 10.57 11.18 -11.85
CA ASP A 74 9.99 12.24 -12.66
C ASP A 74 8.53 12.47 -12.33
N GLN A 75 7.83 11.43 -11.87
CA GLN A 75 6.45 11.53 -11.49
C GLN A 75 6.23 11.89 -10.01
N LYS A 76 7.29 11.91 -9.21
CA LYS A 76 7.17 12.11 -7.76
C LYS A 76 6.29 11.04 -7.16
N VAL A 77 6.52 9.80 -7.60
CA VAL A 77 5.72 8.64 -7.20
C VAL A 77 6.67 7.58 -6.68
N LEU A 78 6.26 6.94 -5.60
CA LEU A 78 6.95 5.75 -5.09
C LEU A 78 6.00 4.55 -5.24
N GLU A 79 6.46 3.54 -5.96
CA GLU A 79 5.65 2.32 -6.12
C GLU A 79 6.19 1.21 -5.23
N ILE A 80 5.27 0.45 -4.61
CA ILE A 80 5.61 -0.74 -3.82
C ILE A 80 4.77 -1.89 -4.34
N ARG A 81 5.43 -2.87 -4.93
CA ARG A 81 4.78 -3.99 -5.60
C ARG A 81 5.06 -5.26 -4.81
N ASP A 82 4.10 -6.14 -4.75
CA ASP A 82 4.32 -7.48 -4.21
C ASP A 82 3.65 -8.48 -5.12
N SER A 83 4.10 -9.71 -5.02
CA SER A 83 3.45 -10.82 -5.73
C SER A 83 2.65 -11.70 -4.77
N GLY A 84 2.02 -11.06 -3.79
CA GLY A 84 1.15 -11.80 -2.90
C GLY A 84 -0.17 -12.22 -3.51
N ILE A 85 -1.15 -12.56 -2.65
CA ILE A 85 -2.38 -13.16 -3.16
C ILE A 85 -3.25 -12.19 -3.95
N GLY A 86 -3.06 -10.84 -3.76
CA GLY A 86 -3.84 -9.88 -4.47
C GLY A 86 -5.22 -9.74 -3.89
N MET A 87 -6.01 -8.92 -4.55
CA MET A 87 -7.38 -8.55 -4.17
C MET A 87 -8.25 -8.49 -5.41
N THR A 88 -9.40 -9.13 -5.35
CA THR A 88 -10.41 -9.02 -6.40
C THR A 88 -11.05 -7.64 -6.34
N LYS A 89 -11.85 -7.32 -7.35
CA LYS A 89 -12.64 -6.09 -7.31
C LYS A 89 -13.43 -6.01 -6.01
N ALA A 90 -14.14 -7.08 -5.69
CA ALA A 90 -14.95 -7.06 -4.49
C ALA A 90 -14.12 -6.88 -3.22
N ASP A 91 -12.94 -7.49 -3.18
CA ASP A 91 -12.02 -7.34 -2.05
C ASP A 91 -11.63 -5.86 -1.92
N LEU A 92 -11.34 -5.20 -3.03
CA LEU A 92 -10.88 -3.80 -2.97
C LEU A 92 -12.01 -2.93 -2.40
N VAL A 93 -13.22 -3.13 -2.89
CA VAL A 93 -14.38 -2.33 -2.40
C VAL A 93 -14.64 -2.67 -0.93
N ASN A 94 -14.60 -3.94 -0.55
CA ASN A 94 -14.93 -4.40 0.83
C ASN A 94 -13.84 -4.05 1.84
N ASN A 95 -12.60 -4.36 1.56
CA ASN A 95 -11.52 -4.19 2.56
C ASN A 95 -10.97 -2.78 2.60
N LEU A 96 -11.09 -2.00 1.52
CA LEU A 96 -10.42 -0.68 1.46
C LEU A 96 -11.39 0.48 1.51
N GLY A 97 -12.46 0.43 2.31
CA GLY A 97 -13.23 1.65 2.47
C GLY A 97 -14.67 1.54 2.87
N THR A 98 -15.44 0.67 2.26
CA THR A 98 -16.90 0.63 2.42
C THR A 98 -17.36 0.01 3.71
N ILE A 99 -16.61 -0.94 4.25
CA ILE A 99 -17.02 -1.69 5.47
C ILE A 99 -16.19 -1.21 6.66
N ALA A 100 -16.88 -0.77 7.71
CA ALA A 100 -16.18 -0.23 8.88
C ALA A 100 -15.22 -1.27 9.43
N LYS A 101 -13.96 -0.90 9.63
CA LYS A 101 -13.03 -1.81 10.32
C LYS A 101 -13.07 -1.32 11.77
N SER A 102 -13.22 -2.22 12.71
CA SER A 102 -13.16 -1.89 14.15
C SER A 102 -11.85 -1.16 14.40
N GLY A 103 -10.82 -1.55 13.69
CA GLY A 103 -9.49 -0.98 13.91
C GLY A 103 -9.53 0.53 13.92
N THR A 104 -10.33 1.15 13.07
CA THR A 104 -10.34 2.62 12.90
C THR A 104 -10.71 3.28 14.23
N LYS A 105 -11.85 2.96 14.87
CA LYS A 105 -12.32 3.69 16.04
C LYS A 105 -11.38 3.50 17.22
N SER A 106 -10.97 2.25 17.47
CA SER A 106 -10.07 1.99 18.59
C SER A 106 -8.74 2.74 18.42
N PHE A 107 -8.25 2.79 17.19
CA PHE A 107 -6.98 3.48 16.99
C PHE A 107 -7.13 4.96 17.22
N MET A 108 -8.21 5.57 16.73
CA MET A 108 -8.44 6.99 16.93
C MET A 108 -8.60 7.31 18.41
N GLU A 109 -9.24 6.42 19.16
CA GLU A 109 -9.31 6.65 20.60
C GLU A 109 -7.94 6.55 21.23
N ALA A 110 -7.15 5.58 20.78
CA ALA A 110 -5.79 5.46 21.28
C ALA A 110 -5.00 6.73 21.00
N LEU A 111 -5.13 7.28 19.79
CA LEU A 111 -4.42 8.52 19.48
C LEU A 111 -4.82 9.64 20.43
N SER A 112 -6.12 9.77 20.70
N SER A 112 -6.13 9.76 20.71
CA SER A 112 -6.59 10.83 21.59
CA SER A 112 -6.59 10.82 21.58
C SER A 112 -5.94 10.70 22.96
C SER A 112 -5.98 10.69 22.97
N ALA A 113 -5.65 9.47 23.37
CA ALA A 113 -5.06 9.20 24.69
C ALA A 113 -3.55 9.33 24.73
N GLY A 114 -2.91 9.57 23.60
CA GLY A 114 -1.48 9.76 23.58
C GLY A 114 -0.71 8.75 22.78
N ALA A 115 -1.38 7.79 22.13
CA ALA A 115 -0.64 6.76 21.43
C ALA A 115 0.26 7.33 20.33
N ASP A 116 1.35 6.64 20.11
CA ASP A 116 2.28 6.92 19.03
C ASP A 116 1.63 6.41 17.73
N VAL A 117 1.66 7.23 16.69
CA VAL A 117 1.08 6.90 15.40
C VAL A 117 1.66 5.58 14.90
N SER A 118 2.89 5.26 15.31
N SER A 118 2.90 5.27 15.29
CA SER A 118 3.55 4.05 14.87
CA SER A 118 3.55 4.05 14.85
C SER A 118 2.83 2.79 15.31
C SER A 118 2.84 2.79 15.31
N MET A 119 1.84 2.89 16.21
CA MET A 119 1.10 1.72 16.65
C MET A 119 -0.05 1.39 15.71
N ILE A 120 -0.16 2.10 14.58
CA ILE A 120 -1.31 1.95 13.73
C ILE A 120 -1.48 0.50 13.26
N GLY A 121 -0.37 -0.20 13.02
CA GLY A 121 -0.47 -1.57 12.53
C GLY A 121 -1.06 -2.54 13.51
N GLN A 122 -0.94 -2.24 14.79
CA GLN A 122 -1.49 -3.08 15.83
C GLN A 122 -2.98 -3.06 15.86
N PHE A 123 -3.59 -2.14 15.13
CA PHE A 123 -5.03 -2.00 14.98
C PHE A 123 -5.50 -2.45 13.60
N GLY A 124 -4.61 -2.96 12.78
CA GLY A 124 -4.99 -3.53 11.49
C GLY A 124 -5.26 -2.55 10.37
N VAL A 125 -4.88 -1.27 10.52
CA VAL A 125 -5.20 -0.22 9.57
C VAL A 125 -3.92 0.53 9.11
N GLY A 126 -2.79 -0.18 9.10
CA GLY A 126 -1.51 0.40 8.72
C GLY A 126 -1.44 0.93 7.30
N PHE A 127 -2.27 0.40 6.38
CA PHE A 127 -2.31 0.96 5.03
C PHE A 127 -2.48 2.48 5.04
N TYR A 128 -3.31 2.98 5.94
CA TYR A 128 -3.65 4.43 5.91
C TYR A 128 -2.48 5.28 6.37
N SER A 129 -1.44 4.69 6.96
CA SER A 129 -0.24 5.45 7.27
C SER A 129 0.41 6.06 6.03
N LEU A 130 0.06 5.62 4.81
CA LEU A 130 0.69 6.22 3.65
C LEU A 130 0.40 7.70 3.51
N PHE A 131 -0.68 8.17 4.13
CA PHE A 131 -1.03 9.58 4.03
C PHE A 131 -0.12 10.42 4.88
N LEU A 132 0.78 9.80 5.64
CA LEU A 132 1.85 10.59 6.24
C LEU A 132 2.75 11.22 5.18
N VAL A 133 2.96 10.55 4.05
CA VAL A 133 3.94 11.00 3.08
C VAL A 133 3.33 11.25 1.70
N ALA A 134 2.07 10.89 1.46
CA ALA A 134 1.46 10.95 0.14
C ALA A 134 0.14 11.65 0.26
N ASP A 135 -0.29 12.32 -0.80
CA ASP A 135 -1.61 12.90 -0.73
C ASP A 135 -2.62 12.21 -1.63
N HIS A 136 -2.21 11.18 -2.36
CA HIS A 136 -3.02 10.50 -3.33
C HIS A 136 -2.37 9.11 -3.47
N VAL A 137 -3.20 8.09 -3.73
CA VAL A 137 -2.69 6.74 -3.88
C VAL A 137 -3.56 6.01 -4.87
N GLN A 138 -2.93 5.16 -5.68
CA GLN A 138 -3.59 4.13 -6.48
C GLN A 138 -3.16 2.75 -5.93
N VAL A 139 -4.12 1.86 -5.79
CA VAL A 139 -3.84 0.47 -5.40
C VAL A 139 -4.24 -0.37 -6.60
N ILE A 140 -3.24 -0.96 -7.24
CA ILE A 140 -3.44 -1.82 -8.42
C ILE A 140 -3.36 -3.25 -7.92
N SER A 141 -4.33 -4.11 -8.27
CA SER A 141 -4.29 -5.48 -7.72
C SER A 141 -4.85 -6.50 -8.67
N LYS A 142 -4.26 -7.69 -8.59
CA LYS A 142 -4.61 -8.83 -9.43
C LYS A 142 -4.59 -10.05 -8.52
N HIS A 143 -5.78 -10.66 -8.40
CA HIS A 143 -6.01 -11.90 -7.65
C HIS A 143 -6.28 -13.01 -8.66
N ASN A 144 -5.90 -14.26 -8.33
CA ASN A 144 -6.09 -15.33 -9.33
C ASN A 144 -7.54 -15.47 -9.75
N ASP A 145 -8.48 -15.05 -8.90
CA ASP A 145 -9.93 -15.20 -9.20
C ASP A 145 -10.54 -14.03 -10.00
N ASP A 146 -9.80 -12.95 -10.33
CA ASP A 146 -10.42 -11.83 -10.98
C ASP A 146 -9.44 -11.17 -11.96
N GLU A 147 -9.93 -10.17 -12.67
CA GLU A 147 -9.13 -9.32 -13.54
C GLU A 147 -8.33 -8.35 -12.67
N GLN A 148 -7.44 -7.60 -13.31
CA GLN A 148 -6.70 -6.57 -12.62
C GLN A 148 -7.53 -5.31 -12.53
N TYR A 149 -7.53 -4.69 -11.34
CA TYR A 149 -8.31 -3.53 -11.03
C TYR A 149 -7.43 -2.46 -10.36
N VAL A 150 -7.88 -1.20 -10.47
CA VAL A 150 -7.25 -0.07 -9.81
C VAL A 150 -8.25 0.61 -8.88
N TRP A 151 -7.86 0.73 -7.61
CA TRP A 151 -8.62 1.45 -6.58
C TRP A 151 -7.91 2.80 -6.43
N GLU A 152 -8.60 3.91 -6.35
CA GLU A 152 -7.91 5.19 -6.29
C GLU A 152 -8.56 6.12 -5.28
N SER A 153 -7.73 6.84 -4.51
CA SER A 153 -8.27 7.77 -3.53
C SER A 153 -7.37 9.00 -3.36
N ASN A 154 -8.02 10.12 -3.05
CA ASN A 154 -7.32 11.37 -2.71
C ASN A 154 -7.53 11.78 -1.25
N ALA A 155 -7.78 10.81 -0.36
CA ALA A 155 -7.92 11.01 1.08
C ALA A 155 -9.22 11.71 1.46
N GLY A 156 -10.13 11.90 0.51
CA GLY A 156 -11.44 12.47 0.80
C GLY A 156 -12.36 11.45 1.43
N GLY A 157 -13.64 11.56 1.11
CA GLY A 157 -14.62 10.59 1.51
C GLY A 157 -15.04 9.60 0.44
N LYS A 158 -14.44 9.69 -0.76
CA LYS A 158 -14.78 8.82 -1.87
C LYS A 158 -13.53 8.14 -2.41
N PHE A 159 -13.75 6.96 -3.00
CA PHE A 159 -12.71 6.28 -3.76
C PHE A 159 -13.34 5.75 -5.03
N THR A 160 -12.51 5.36 -6.01
CA THR A 160 -13.02 4.72 -7.20
CA THR A 160 -13.07 4.68 -7.17
C THR A 160 -12.39 3.34 -7.42
N VAL A 161 -13.08 2.47 -8.17
CA VAL A 161 -12.56 1.17 -8.57
C VAL A 161 -12.84 1.07 -10.06
N THR A 162 -11.82 0.76 -10.85
CA THR A 162 -11.87 0.73 -12.31
C THR A 162 -11.10 -0.48 -12.83
N LEU A 163 -11.67 -1.20 -13.79
CA LEU A 163 -10.95 -2.25 -14.49
C LEU A 163 -9.68 -1.64 -15.06
N ASP A 164 -8.53 -2.30 -14.85
CA ASP A 164 -7.21 -1.74 -15.21
C ASP A 164 -6.90 -2.03 -16.66
N GLU A 165 -6.97 -0.97 -17.48
CA GLU A 165 -6.58 -1.02 -18.91
C GLU A 165 -5.43 -0.08 -19.20
N THR A 166 -4.68 0.35 -18.15
CA THR A 166 -3.63 1.32 -18.34
C THR A 166 -2.32 1.01 -17.64
N ASN A 167 -2.24 0.06 -16.70
CA ASN A 167 -0.98 -0.22 -16.05
C ASN A 167 -0.35 -1.52 -16.53
N GLU A 168 0.91 -1.69 -16.17
CA GLU A 168 1.60 -2.96 -16.46
C GLU A 168 0.87 -4.12 -15.78
N ARG A 169 0.82 -5.26 -16.42
CA ARG A 169 0.18 -6.42 -15.82
C ARG A 169 1.01 -6.90 -14.65
N LEU A 170 0.34 -7.16 -13.52
CA LEU A 170 1.05 -7.66 -12.35
C LEU A 170 1.25 -9.15 -12.35
N GLY A 171 0.43 -9.89 -13.11
CA GLY A 171 0.53 -11.34 -13.04
C GLY A 171 -0.30 -11.89 -11.89
N ARG A 172 0.15 -11.48 -10.70
CA ARG A 172 -0.56 -11.70 -9.45
C ARG A 172 0.07 -10.75 -8.44
N GLY A 173 -0.76 -10.15 -7.61
CA GLY A 173 -0.28 -9.36 -6.51
C GLY A 173 -0.85 -7.95 -6.46
N THR A 174 -0.10 -7.00 -5.86
CA THR A 174 -0.61 -5.65 -5.59
C THR A 174 0.52 -4.68 -5.77
N MET A 175 0.20 -3.51 -6.34
CA MET A 175 1.19 -2.42 -6.42
C MET A 175 0.54 -1.15 -5.91
N LEU A 176 1.14 -0.54 -4.89
CA LEU A 176 0.67 0.76 -4.38
C LEU A 176 1.46 1.86 -5.11
N ARG A 177 0.76 2.83 -5.66
CA ARG A 177 1.43 3.99 -6.31
CA ARG A 177 1.43 3.99 -6.31
C ARG A 177 1.19 5.21 -5.39
N LEU A 178 2.23 5.61 -4.68
CA LEU A 178 2.13 6.74 -3.72
C LEU A 178 2.54 8.04 -4.40
N PHE A 179 1.63 8.97 -4.48
CA PHE A 179 1.96 10.30 -5.02
C PHE A 179 2.45 11.16 -3.86
N LEU A 180 3.76 11.29 -3.77
CA LEU A 180 4.35 11.84 -2.55
C LEU A 180 4.08 13.36 -2.43
N LYS A 181 3.99 13.79 -1.18
CA LYS A 181 3.88 15.22 -0.85
C LYS A 181 5.16 15.88 -1.33
N GLU A 182 5.13 17.21 -1.49
N GLU A 182 5.13 17.21 -1.49
CA GLU A 182 6.30 17.92 -2.05
CA GLU A 182 6.30 17.93 -2.05
C GLU A 182 7.49 17.94 -1.09
C GLU A 182 7.49 17.92 -1.09
N ASP A 183 7.23 17.78 0.20
CA ASP A 183 8.33 17.83 1.20
C ASP A 183 8.76 16.42 1.60
N GLN A 184 8.26 15.38 0.93
CA GLN A 184 8.60 14.01 1.32
C GLN A 184 9.30 13.29 0.20
N LEU A 185 9.95 13.99 -0.66
CA LEU A 185 10.61 13.38 -1.83
C LEU A 185 11.90 12.65 -1.47
N GLU A 186 12.34 12.71 -0.19
CA GLU A 186 13.46 11.89 0.20
C GLU A 186 13.18 10.39 -0.01
N TYR A 187 11.91 9.97 0.03
CA TYR A 187 11.59 8.54 -0.11
C TYR A 187 11.64 8.09 -1.55
N LEU A 188 12.11 8.93 -2.50
CA LEU A 188 12.50 8.47 -3.84
C LEU A 188 13.97 8.11 -3.94
N GLU A 189 14.76 8.37 -2.91
CA GLU A 189 16.18 8.23 -2.97
C GLU A 189 16.64 6.86 -2.53
N GLU A 190 17.54 6.23 -3.28
CA GLU A 190 18.05 4.91 -2.98
C GLU A 190 18.60 4.84 -1.55
N LYS A 191 19.43 5.80 -1.18
CA LYS A 191 20.08 5.73 0.13
C LYS A 191 19.08 5.77 1.27
N ARG A 192 18.08 6.61 1.16
CA ARG A 192 17.06 6.76 2.19
C ARG A 192 16.19 5.52 2.26
N ILE A 193 15.74 5.00 1.11
CA ILE A 193 14.93 3.82 1.12
C ILE A 193 15.69 2.67 1.81
N LYS A 194 16.95 2.46 1.43
CA LYS A 194 17.73 1.40 2.04
C LYS A 194 17.80 1.57 3.54
N GLU A 195 18.00 2.81 4.00
CA GLU A 195 18.05 3.06 5.44
C GLU A 195 16.79 2.61 6.15
N VAL A 196 15.65 2.98 5.59
CA VAL A 196 14.38 2.74 6.23
C VAL A 196 14.07 1.24 6.22
N VAL A 197 14.34 0.58 5.09
CA VAL A 197 14.10 -0.86 5.00
C VAL A 197 14.97 -1.59 6.03
N LYS A 198 16.28 -1.21 6.09
CA LYS A 198 17.16 -1.95 6.99
C LYS A 198 16.80 -1.70 8.45
N LYS A 199 16.32 -0.52 8.79
CA LYS A 199 15.99 -0.21 10.17
C LYS A 199 14.72 -0.91 10.62
N HIS A 200 13.66 -0.87 9.81
CA HIS A 200 12.32 -1.29 10.24
C HIS A 200 11.84 -2.60 9.69
N SER A 201 12.48 -3.16 8.67
CA SER A 201 11.99 -4.34 7.97
C SER A 201 13.08 -5.41 7.84
N GLU A 202 13.83 -5.63 8.96
CA GLU A 202 14.90 -6.62 8.96
C GLU A 202 14.33 -8.05 8.88
N PHE A 203 13.22 -8.29 9.52
CA PHE A 203 12.70 -9.64 9.63
C PHE A 203 11.51 -9.82 8.72
N VAL A 204 11.82 -9.96 7.42
CA VAL A 204 10.85 -10.25 6.38
C VAL A 204 11.32 -11.46 5.60
N ALA A 205 10.40 -12.38 5.33
CA ALA A 205 10.74 -13.70 4.74
C ALA A 205 10.91 -13.66 3.24
N TYR A 206 10.64 -12.51 2.64
CA TYR A 206 10.69 -12.40 1.17
C TYR A 206 11.73 -11.40 0.79
N PRO A 207 12.34 -11.56 -0.39
CA PRO A 207 13.31 -10.59 -0.88
C PRO A 207 12.66 -9.23 -1.05
N ILE A 208 13.29 -8.17 -0.59
CA ILE A 208 12.88 -6.77 -0.79
C ILE A 208 13.81 -6.19 -1.85
N GLN A 209 13.30 -6.03 -3.07
CA GLN A 209 14.08 -5.59 -4.24
C GLN A 209 13.88 -4.09 -4.43
N LEU A 210 14.97 -3.38 -4.73
CA LEU A 210 14.93 -1.95 -4.96
C LEU A 210 15.37 -1.70 -6.39
N VAL A 211 14.58 -0.96 -7.12
CA VAL A 211 14.81 -0.69 -8.53
C VAL A 211 15.38 0.70 -8.64
N VAL A 212 16.60 0.80 -9.12
CA VAL A 212 17.29 2.06 -9.21
C VAL A 212 17.65 2.38 -10.66
N THR A 213 17.40 3.64 -11.04
CA THR A 213 17.67 4.14 -12.40
C THR A 213 18.90 5.03 -12.38
N LYS A 214 19.91 4.70 -13.18
CA LYS A 214 21.14 5.48 -13.25
C LYS A 214 21.54 5.72 -14.71
N GLU A 215 22.06 6.91 -15.01
CA GLU A 215 22.59 7.17 -16.34
C GLU A 215 23.87 6.40 -16.56
N VAL A 216 24.02 5.81 -17.74
CA VAL A 216 25.26 5.18 -18.17
C VAL A 216 26.21 6.28 -18.59
N GLU A 217 27.34 6.39 -17.92
CA GLU A 217 28.25 7.50 -18.15
C GLU A 217 29.30 7.12 -19.19
N LYS A 218 29.92 8.15 -19.76
CA LYS A 218 30.96 7.97 -20.78
C LYS A 218 32.34 7.93 -20.13
C1 819 B . -7.67 -2.35 4.85
C2 819 B . -6.37 -2.08 5.66
O3 819 B . -5.78 -3.30 5.99
C4 819 B . -4.40 -3.20 6.25
O5 819 B . -3.89 -2.15 6.43
N6 819 B . -3.58 -4.41 6.33
C8 819 B . -4.20 -5.72 6.24
C9 819 B . -4.09 -6.29 4.79
C12 819 B . -5.19 -6.31 3.97
C13 819 B . -5.10 -6.83 2.68
C10 819 B . -2.89 -6.80 4.33
C11 819 B . -2.80 -7.31 3.05
C14 819 B . -3.90 -7.33 2.21
N15 819 B . -3.79 -7.83 0.97
C16 819 B . -4.31 -8.97 0.52
S17 819 B . -5.31 -10.14 1.51
N18 819 B . -3.98 -9.11 -0.73
N20 819 B . -3.23 -8.04 -1.09
C21 819 B . -3.14 -7.26 -0.04
C22 819 B . -2.45 -6.04 0.10
C23 819 B . -3.12 -4.95 0.67
C24 819 B . -2.46 -3.76 0.86
C25 819 B . -3.22 -2.55 1.46
C27 819 B . -4.02 -1.89 0.34
C26 819 B . -4.20 -3.00 2.58
C28 819 B . -1.12 -3.66 0.49
O29 819 B . -0.44 -2.46 0.69
C31 819 B . -0.46 -4.72 -0.04
C32 819 B . -1.14 -5.94 -0.24
O33 819 B . -0.46 -7.06 -0.81
H1 819 B . -8.47 -2.64 5.53
H1A 819 B . -7.49 -3.14 4.13
H1B 819 B . -7.96 -1.44 4.32
H2 819 B . -6.62 -1.53 6.57
H2A 819 B . -5.71 -1.50 5.03
HN6 819 B . -2.60 -4.34 6.59
H8 819 B . -5.26 -5.66 6.53
H8A 819 B . -3.68 -6.41 6.92
H12 819 B . -6.14 -5.91 4.34
H13 819 B . -5.95 -6.83 2.05
H10 819 B . -2.02 -6.79 4.97
H11 819 B . -1.86 -7.70 2.67
HS17 819 B . -4.64 -10.49 2.60
H23 819 B . -4.16 -5.03 0.94
H25 819 B . -2.52 -1.83 1.89
H27 819 B . -4.60 -2.63 -0.17
H27A 819 B . -3.33 -1.42 -0.36
H27B 819 B . -4.67 -1.14 0.76
H26 819 B . -3.76 -3.84 3.13
H26A 819 B . -5.13 -3.33 2.10
H26B 819 B . -4.41 -2.19 3.25
HO29 819 B . -0.31 -2.32 1.59
H31 819 B . 0.57 -4.64 -0.32
HO33 819 B . -0.77 -7.21 -1.73
C1 EDO C . 12.34 -20.46 -6.34
O1 EDO C . 12.38 -21.33 -5.21
C2 EDO C . 13.22 -19.24 -6.06
O2 EDO C . 13.39 -18.49 -7.27
H11 EDO C . 11.31 -20.14 -6.53
H12 EDO C . 12.69 -20.98 -7.24
HO1 EDO C . 11.91 -22.15 -5.41
H21 EDO C . 14.19 -19.57 -5.70
H22 EDO C . 12.76 -18.62 -5.29
HO2 EDO C . 14.03 -17.79 -7.12
#